data_8PQA
#
_entry.id   8PQA
#
_cell.length_a   58.760
_cell.length_b   58.880
_cell.length_c   193.410
_cell.angle_alpha   90.000
_cell.angle_beta   90.000
_cell.angle_gamma   90.000
#
_symmetry.space_group_name_H-M   'P 21 21 21'
#
loop_
_entity.id
_entity.type
_entity.pdbx_description
1 polymer 'Mast/stem cell growth factor receptor Kit'
2 non-polymer 6-(1-methylpyrazol-4-yl)-4-(4-pyrimidin-2-ylpiperazin-1-yl)pyrrolo[2,1-f][1,2,4]triazine
3 water water
#
_entity_poly.entity_id   1
_entity_poly.type   'polypeptide(L)'
_entity_poly.pdbx_seq_one_letter_code
;GSMPMYEVQWKVVEESNGNNYSYIDPTQLPYDHKWEFPRNRLSFGKTLGAGAFGKVVEATAQGLIKSDAAMTVAVKMLKP
SAHSTEREALMSELKVLSYLGNHENIVNLLGACTHGGPTLVITEYCCYGDLLNFLRRKRDEFVPYKVAPEDLYKDFLTLE
HLLSFSYQVAKGMAFLASKNCIHRDLAARNILLTHGNITKICDFGLARDIKNDSNYVDKGNARLPVKWMAPESIFNSVYT
FESDVWSYGIFLWELFSLGSSPYPGMPVDSKFYKMIKEGFRMSSPEYAPAEMYDIMKTCWDADPDKRPTFKQIVQDIEKQ
ISESTNH
;
_entity_poly.pdbx_strand_id   A,C
#
loop_
_chem_comp.id
_chem_comp.type
_chem_comp.name
_chem_comp.formula
98A non-polymer 6-(1-methylpyrazol-4-yl)-4-(4-pyrimidin-2-ylpiperazin-1-yl)pyrrolo[2,1-f][1,2,4]triazine 'C18 H19 N9'
#
# COMPACT_ATOMS: atom_id res chain seq x y z
N ASN A 19 7.62 34.03 13.90
CA ASN A 19 6.79 35.19 13.58
C ASN A 19 7.14 35.77 12.21
N ASN A 20 8.35 35.49 11.71
CA ASN A 20 8.68 35.97 10.37
C ASN A 20 8.07 35.13 9.27
N TYR A 21 7.67 33.90 9.56
CA TYR A 21 6.94 33.06 8.62
C TYR A 21 5.56 32.75 9.21
N SER A 22 4.53 32.73 8.36
CA SER A 22 3.21 32.34 8.83
C SER A 22 2.42 31.64 7.74
N TYR A 23 1.36 30.94 8.14
CA TYR A 23 0.45 30.36 7.18
C TYR A 23 -0.49 31.44 6.70
N ILE A 24 -0.62 31.59 5.38
CA ILE A 24 -1.49 32.62 4.82
C ILE A 24 -2.93 32.14 4.92
N ASP A 25 -3.74 32.83 5.71
CA ASP A 25 -5.15 32.51 5.90
C ASP A 25 -5.90 32.97 4.66
N PRO A 26 -6.40 32.07 3.81
CA PRO A 26 -7.08 32.53 2.58
C PRO A 26 -8.28 33.43 2.83
N THR A 27 -8.91 33.34 4.01
CA THR A 27 -10.06 34.17 4.34
C THR A 27 -9.65 35.57 4.80
N GLN A 28 -8.37 35.82 5.04
CA GLN A 28 -7.91 37.17 5.34
C GLN A 28 -7.49 37.92 4.09
N LEU A 29 -7.38 37.23 2.97
CA LEU A 29 -6.92 37.86 1.73
C LEU A 29 -8.03 38.75 1.16
N PRO A 30 -7.64 39.80 0.47
CA PRO A 30 -8.65 40.64 -0.19
C PRO A 30 -9.48 39.85 -1.19
N TYR A 31 -10.76 40.19 -1.27
CA TYR A 31 -11.58 39.70 -2.38
C TYR A 31 -10.98 40.17 -3.69
N ASP A 32 -10.84 39.26 -4.66
CA ASP A 32 -10.28 39.60 -5.96
C ASP A 32 -11.40 40.00 -6.92
N HIS A 33 -11.44 41.29 -7.30
CA HIS A 33 -12.54 41.79 -8.12
C HIS A 33 -12.55 41.23 -9.52
N LYS A 34 -11.54 40.42 -9.89
CA LYS A 34 -11.63 39.65 -11.13
C LYS A 34 -12.91 38.82 -11.18
N TRP A 35 -13.46 38.46 -10.02
CA TRP A 35 -14.68 37.66 -10.02
C TRP A 35 -15.95 38.46 -10.23
N GLU A 36 -15.91 39.79 -10.07
CA GLU A 36 -17.14 40.55 -10.01
C GLU A 36 -17.90 40.51 -11.34
N PHE A 37 -19.23 40.33 -11.24
CA PHE A 37 -20.14 40.18 -12.38
C PHE A 37 -21.41 40.97 -12.08
N PRO A 38 -22.00 41.68 -13.05
CA PRO A 38 -23.19 42.50 -12.72
C PRO A 38 -24.45 41.66 -12.51
N ARG A 39 -25.13 41.88 -11.37
CA ARG A 39 -26.26 41.02 -11.03
C ARG A 39 -27.43 41.24 -11.99
N ASN A 40 -27.49 42.39 -12.65
CA ASN A 40 -28.57 42.60 -13.61
C ASN A 40 -28.45 41.72 -14.85
N ARG A 41 -27.31 41.03 -15.03
CA ARG A 41 -27.16 40.07 -16.12
C ARG A 41 -27.51 38.64 -15.68
N LEU A 42 -27.99 38.46 -14.46
CA LEU A 42 -28.52 37.17 -14.01
C LEU A 42 -30.04 37.19 -14.04
N SER A 43 -30.65 36.09 -14.53
CA SER A 43 -32.09 35.89 -14.44
CA SER A 43 -32.09 35.88 -14.44
C SER A 43 -32.33 34.64 -13.60
N PHE A 44 -32.91 34.83 -12.42
CA PHE A 44 -33.10 33.74 -11.47
C PHE A 44 -34.25 32.82 -11.89
N GLY A 45 -34.10 31.54 -11.60
CA GLY A 45 -35.12 30.54 -11.87
C GLY A 45 -35.40 29.65 -10.69
N LYS A 46 -35.48 28.33 -10.93
CA LYS A 46 -35.84 27.37 -9.89
C LYS A 46 -34.91 27.44 -8.69
N THR A 47 -35.48 27.24 -7.50
CA THR A 47 -34.67 27.11 -6.29
C THR A 47 -34.12 25.70 -6.23
N LEU A 48 -32.81 25.57 -6.01
CA LEU A 48 -32.14 24.28 -5.93
C LEU A 48 -31.91 23.82 -4.51
N GLY A 49 -31.76 24.74 -3.57
CA GLY A 49 -31.64 24.38 -2.17
C GLY A 49 -31.83 25.63 -1.33
N ALA A 50 -32.10 25.40 -0.05
CA ALA A 50 -32.35 26.52 0.84
C ALA A 50 -31.83 26.20 2.24
N GLY A 51 -31.40 27.23 2.95
CA GLY A 51 -30.93 27.11 4.32
C GLY A 51 -31.31 28.33 5.14
N ALA A 52 -30.65 28.52 6.29
CA ALA A 52 -30.87 29.73 7.07
C ALA A 52 -30.19 30.94 6.44
N PHE A 53 -29.09 30.72 5.70
CA PHE A 53 -28.43 31.79 4.96
C PHE A 53 -29.34 32.39 3.89
N GLY A 54 -30.23 31.58 3.33
CA GLY A 54 -30.86 31.96 2.07
C GLY A 54 -31.10 30.76 1.17
N LYS A 55 -30.79 30.91 -0.12
CA LYS A 55 -31.03 29.81 -1.05
C LYS A 55 -29.98 29.80 -2.15
N VAL A 56 -29.98 28.69 -2.88
CA VAL A 56 -29.27 28.54 -4.15
C VAL A 56 -30.32 28.41 -5.24
N VAL A 57 -30.17 29.16 -6.32
CA VAL A 57 -31.12 29.09 -7.42
C VAL A 57 -30.40 28.80 -8.73
N GLU A 58 -31.12 28.19 -9.65
CA GLU A 58 -30.67 28.13 -11.04
C GLU A 58 -30.84 29.51 -11.65
N ALA A 59 -29.93 29.88 -12.54
CA ALA A 59 -30.04 31.19 -13.18
C ALA A 59 -29.37 31.16 -14.54
N THR A 60 -29.79 32.09 -15.40
CA THR A 60 -29.14 32.35 -16.67
C THR A 60 -28.25 33.59 -16.49
N ALA A 61 -26.99 33.49 -16.90
CA ALA A 61 -26.03 34.59 -16.80
C ALA A 61 -25.75 35.08 -18.21
N GLN A 62 -26.13 36.33 -18.52
CA GLN A 62 -25.95 36.88 -19.85
C GLN A 62 -24.54 37.45 -19.99
N GLY A 63 -23.73 36.85 -20.85
CA GLY A 63 -22.39 37.38 -21.12
C GLY A 63 -21.34 37.09 -20.07
N LEU A 64 -21.47 36.00 -19.31
CA LEU A 64 -20.54 35.73 -18.21
C LEU A 64 -19.20 35.21 -18.72
N ILE A 65 -19.20 34.27 -19.63
CA ILE A 65 -17.94 33.76 -20.17
C ILE A 65 -17.66 34.32 -21.56
N LYS A 66 -18.66 34.28 -22.43
CA LYS A 66 -18.58 34.88 -23.74
C LYS A 66 -19.56 36.06 -23.75
N SER A 67 -19.13 37.15 -24.36
CA SER A 67 -19.86 38.40 -24.21
C SER A 67 -21.27 38.32 -24.75
N ASP A 68 -21.49 37.52 -25.79
CA ASP A 68 -22.75 37.47 -26.49
C ASP A 68 -23.52 36.19 -26.22
N ALA A 69 -23.10 35.39 -25.25
CA ALA A 69 -23.73 34.11 -24.98
C ALA A 69 -24.29 34.08 -23.56
N ALA A 70 -25.42 33.41 -23.41
CA ALA A 70 -25.98 33.12 -22.11
C ALA A 70 -25.56 31.72 -21.65
N MET A 71 -25.43 31.56 -20.35
CA MET A 71 -25.14 30.24 -19.80
C MET A 71 -25.90 30.02 -18.52
N THR A 72 -26.16 28.75 -18.22
CA THR A 72 -26.82 28.38 -16.97
C THR A 72 -25.78 28.24 -15.87
N VAL A 73 -26.07 28.85 -14.73
CA VAL A 73 -25.23 28.84 -13.54
C VAL A 73 -26.09 28.49 -12.33
N ALA A 74 -25.44 28.34 -11.19
CA ALA A 74 -26.11 28.33 -9.90
C ALA A 74 -25.67 29.55 -9.11
N VAL A 75 -26.60 30.12 -8.35
CA VAL A 75 -26.30 31.35 -7.61
C VAL A 75 -26.70 31.14 -6.16
N LYS A 76 -25.72 31.28 -5.26
CA LYS A 76 -25.96 31.20 -3.81
C LYS A 76 -26.18 32.60 -3.27
N MET A 77 -27.30 32.81 -2.59
CA MET A 77 -27.66 34.16 -2.20
C MET A 77 -28.02 34.25 -0.73
N LEU A 78 -27.49 35.27 -0.10
CA LEU A 78 -27.96 35.65 1.22
C LEU A 78 -29.32 36.30 1.09
N LYS A 79 -30.21 35.92 2.00
CA LYS A 79 -31.46 36.66 2.16
C LYS A 79 -31.19 38.03 2.78
N PRO A 80 -32.04 39.02 2.48
CA PRO A 80 -31.79 40.38 2.98
C PRO A 80 -31.66 40.47 4.49
N SER A 81 -32.33 39.58 5.23
CA SER A 81 -32.31 39.61 6.69
C SER A 81 -31.10 38.89 7.29
N ALA A 82 -30.13 38.47 6.48
CA ALA A 82 -29.02 37.66 6.98
C ALA A 82 -28.25 38.39 8.06
N HIS A 83 -27.95 37.69 9.15
CA HIS A 83 -27.17 38.29 10.22
C HIS A 83 -25.69 38.23 9.87
N SER A 84 -24.89 38.95 10.66
CA SER A 84 -23.45 39.06 10.40
C SER A 84 -22.80 37.67 10.31
N THR A 85 -23.24 36.72 11.14
CA THR A 85 -22.68 35.38 11.07
C THR A 85 -22.83 34.79 9.67
N GLU A 86 -24.00 34.95 9.05
CA GLU A 86 -24.20 34.34 7.73
C GLU A 86 -23.56 35.16 6.60
N ARG A 87 -23.51 36.49 6.72
CA ARG A 87 -22.91 37.30 5.66
C ARG A 87 -21.43 37.03 5.52
N GLU A 88 -20.71 37.04 6.64
CA GLU A 88 -19.28 36.81 6.54
C GLU A 88 -18.96 35.36 6.25
N ALA A 89 -19.85 34.43 6.60
CA ALA A 89 -19.65 33.04 6.21
C ALA A 89 -19.68 32.89 4.69
N LEU A 90 -20.57 33.62 4.01
CA LEU A 90 -20.63 33.48 2.56
C LEU A 90 -19.41 34.09 1.90
N MET A 91 -18.91 35.21 2.44
N MET A 91 -18.92 35.23 2.41
CA MET A 91 -17.70 35.81 1.88
CA MET A 91 -17.69 35.81 1.89
C MET A 91 -16.47 34.95 2.15
C MET A 91 -16.51 34.88 2.13
N SER A 92 -16.42 34.31 3.32
CA SER A 92 -15.37 33.36 3.62
CA SER A 92 -15.36 33.36 3.61
C SER A 92 -15.40 32.18 2.64
N GLU A 93 -16.60 31.65 2.38
CA GLU A 93 -16.74 30.59 1.38
C GLU A 93 -16.24 31.06 0.02
N LEU A 94 -16.65 32.26 -0.39
CA LEU A 94 -16.13 32.81 -1.65
C LEU A 94 -14.61 32.86 -1.65
N LYS A 95 -14.00 33.30 -0.55
CA LYS A 95 -12.55 33.40 -0.54
C LYS A 95 -11.87 32.03 -0.51
N VAL A 96 -12.51 31.02 0.10
CA VAL A 96 -11.93 29.67 0.07
C VAL A 96 -11.96 29.12 -1.35
N LEU A 97 -13.10 29.27 -2.04
CA LEU A 97 -13.18 28.82 -3.42
C LEU A 97 -12.21 29.57 -4.32
N SER A 98 -12.02 30.86 -4.09
CA SER A 98 -11.05 31.63 -4.87
CA SER A 98 -11.05 31.64 -4.86
C SER A 98 -9.63 31.10 -4.65
N TYR A 99 -9.31 30.71 -3.41
CA TYR A 99 -7.99 30.19 -3.09
C TYR A 99 -7.80 28.79 -3.66
N LEU A 100 -8.84 27.94 -3.59
CA LEU A 100 -8.68 26.55 -4.04
C LEU A 100 -8.36 26.47 -5.53
N GLY A 101 -9.00 27.34 -6.33
CA GLY A 101 -8.81 27.31 -7.77
C GLY A 101 -9.67 26.23 -8.42
N ASN A 102 -9.51 26.08 -9.73
CA ASN A 102 -10.39 25.22 -10.49
C ASN A 102 -10.02 23.75 -10.33
N HIS A 103 -11.03 22.89 -10.24
CA HIS A 103 -10.79 21.46 -10.36
C HIS A 103 -12.01 20.81 -11.01
N GLU A 104 -11.74 19.76 -11.80
CA GLU A 104 -12.81 19.10 -12.54
C GLU A 104 -13.88 18.52 -11.62
N ASN A 105 -13.51 18.11 -10.40
CA ASN A 105 -14.41 17.36 -9.55
C ASN A 105 -14.94 18.19 -8.39
N ILE A 106 -14.95 19.52 -8.55
CA ILE A 106 -15.66 20.38 -7.61
C ILE A 106 -16.56 21.31 -8.41
N VAL A 107 -17.61 21.78 -7.75
CA VAL A 107 -18.47 22.80 -8.33
C VAL A 107 -17.69 24.12 -8.28
N ASN A 108 -17.24 24.60 -9.44
CA ASN A 108 -16.28 25.68 -9.47
C ASN A 108 -16.94 27.04 -9.36
N LEU A 109 -16.21 27.94 -8.71
CA LEU A 109 -16.55 29.36 -8.68
C LEU A 109 -16.45 29.99 -10.07
N LEU A 110 -17.48 30.77 -10.47
CA LEU A 110 -17.48 31.47 -11.74
C LEU A 110 -17.52 32.98 -11.57
N GLY A 111 -17.95 33.47 -10.41
CA GLY A 111 -18.14 34.92 -10.29
C GLY A 111 -18.83 35.25 -8.98
N ALA A 112 -18.98 36.55 -8.73
CA ALA A 112 -19.67 37.00 -7.53
C ALA A 112 -20.27 38.37 -7.77
N CYS A 113 -21.26 38.71 -6.96
CA CYS A 113 -21.87 40.04 -6.99
C CYS A 113 -21.76 40.59 -5.58
N THR A 114 -20.91 41.59 -5.36
CA THR A 114 -20.64 42.07 -4.01
C THR A 114 -21.09 43.51 -3.78
N HIS A 115 -22.02 44.00 -4.60
CA HIS A 115 -22.76 45.24 -4.36
C HIS A 115 -24.05 45.18 -5.16
N GLY A 116 -24.92 46.15 -4.93
CA GLY A 116 -26.21 46.19 -5.58
C GLY A 116 -27.27 45.33 -4.94
N GLY A 117 -26.97 44.71 -3.80
CA GLY A 117 -27.94 43.84 -3.21
C GLY A 117 -27.17 42.87 -2.37
N PRO A 118 -27.83 41.82 -1.91
CA PRO A 118 -27.14 40.86 -1.05
C PRO A 118 -26.04 40.16 -1.82
N THR A 119 -25.01 39.71 -1.09
CA THR A 119 -23.91 38.99 -1.74
C THR A 119 -24.46 37.81 -2.51
N LEU A 120 -23.98 37.65 -3.76
CA LEU A 120 -24.28 36.50 -4.60
C LEU A 120 -22.98 35.79 -4.98
N VAL A 121 -22.96 34.46 -4.88
CA VAL A 121 -21.82 33.68 -5.35
C VAL A 121 -22.31 32.80 -6.47
N ILE A 122 -21.63 32.87 -7.62
CA ILE A 122 -22.03 32.22 -8.86
C ILE A 122 -21.11 31.04 -9.07
N THR A 123 -21.68 29.84 -9.18
CA THR A 123 -20.91 28.61 -9.44
C THR A 123 -21.44 27.91 -10.68
N GLU A 124 -20.73 26.87 -11.08
CA GLU A 124 -21.19 25.98 -12.15
C GLU A 124 -22.55 25.36 -11.79
N TYR A 125 -23.34 25.10 -12.83
CA TYR A 125 -24.60 24.36 -12.68
C TYR A 125 -24.42 22.93 -13.15
N CYS A 126 -24.84 21.95 -12.32
CA CYS A 126 -24.72 20.54 -12.67
C CYS A 126 -26.09 20.00 -13.05
N CYS A 127 -26.27 19.62 -14.31
CA CYS A 127 -27.63 19.46 -14.83
C CYS A 127 -28.35 18.20 -14.32
N TYR A 128 -27.63 17.24 -13.76
CA TYR A 128 -28.27 16.01 -13.28
C TYR A 128 -28.52 16.03 -11.78
N GLY A 129 -28.28 17.16 -11.11
CA GLY A 129 -28.59 17.25 -9.70
C GLY A 129 -27.70 16.37 -8.84
N ASP A 130 -28.16 16.13 -7.62
CA ASP A 130 -27.32 15.43 -6.64
C ASP A 130 -27.34 13.93 -6.85
N LEU A 131 -26.21 13.32 -6.50
CA LEU A 131 -26.02 11.89 -6.74
C LEU A 131 -26.97 11.03 -5.90
N LEU A 132 -27.37 11.50 -4.71
CA LEU A 132 -28.27 10.71 -3.89
C LEU A 132 -29.61 10.51 -4.59
N ASN A 133 -30.22 11.60 -5.06
CA ASN A 133 -31.47 11.45 -5.79
C ASN A 133 -31.28 10.70 -7.10
N PHE A 134 -30.12 10.90 -7.74
CA PHE A 134 -29.85 10.22 -9.00
C PHE A 134 -29.85 8.71 -8.81
N LEU A 135 -29.12 8.23 -7.80
CA LEU A 135 -29.08 6.79 -7.54
C LEU A 135 -30.48 6.26 -7.22
N ARG A 136 -31.27 7.03 -6.47
CA ARG A 136 -32.61 6.57 -6.12
C ARG A 136 -33.52 6.50 -7.33
N ARG A 137 -33.40 7.46 -8.26
CA ARG A 137 -34.15 7.42 -9.51
C ARG A 137 -33.77 6.20 -10.34
N LYS A 138 -32.48 5.92 -10.45
CA LYS A 138 -31.95 4.88 -11.31
C LYS A 138 -31.93 3.51 -10.63
N ARG A 139 -32.31 3.44 -9.36
CA ARG A 139 -32.15 2.20 -8.60
C ARG A 139 -32.94 1.05 -9.24
N ASP A 140 -34.17 1.32 -9.68
CA ASP A 140 -35.03 0.26 -10.19
C ASP A 140 -34.45 -0.42 -11.42
N GLU A 141 -33.71 0.33 -12.26
CA GLU A 141 -33.21 -0.20 -13.52
C GLU A 141 -31.70 -0.43 -13.50
N PHE A 142 -31.10 -0.49 -12.32
CA PHE A 142 -29.68 -0.79 -12.19
C PHE A 142 -29.37 -2.22 -12.64
N VAL A 143 -28.24 -2.38 -13.33
CA VAL A 143 -27.71 -3.71 -13.62
C VAL A 143 -26.22 -3.72 -13.29
N PRO A 144 -25.66 -4.84 -12.80
CA PRO A 144 -24.22 -4.82 -12.48
C PRO A 144 -23.33 -4.70 -13.71
N LEU A 157 -27.79 2.37 -15.41
CA LEU A 157 -26.72 2.51 -14.41
C LEU A 157 -26.02 1.19 -14.17
N THR A 158 -24.70 1.21 -14.18
CA THR A 158 -23.91 -0.01 -14.00
C THR A 158 -22.90 0.15 -12.88
N LEU A 159 -22.26 -0.97 -12.55
CA LEU A 159 -21.16 -0.96 -11.59
C LEU A 159 -20.01 -0.09 -12.08
N GLU A 160 -19.76 -0.09 -13.38
CA GLU A 160 -18.71 0.76 -13.92
C GLU A 160 -18.95 2.23 -13.58
N HIS A 161 -20.21 2.66 -13.60
CA HIS A 161 -20.51 4.03 -13.21
C HIS A 161 -20.17 4.26 -11.73
N LEU A 162 -20.45 3.28 -10.88
CA LEU A 162 -20.23 3.46 -9.45
C LEU A 162 -18.75 3.58 -9.14
N LEU A 163 -17.92 2.72 -9.73
CA LEU A 163 -16.48 2.83 -9.58
C LEU A 163 -15.97 4.19 -10.08
N SER A 164 -16.47 4.65 -11.22
CA SER A 164 -16.08 5.98 -11.71
C SER A 164 -16.43 7.06 -10.70
N PHE A 165 -17.67 7.07 -10.21
CA PHE A 165 -18.04 8.09 -9.22
C PHE A 165 -17.16 7.99 -7.98
N SER A 166 -16.85 6.78 -7.51
CA SER A 166 -15.99 6.64 -6.33
C SER A 166 -14.62 7.26 -6.58
N TYR A 167 -14.08 7.02 -7.77
CA TYR A 167 -12.77 7.54 -8.16
C TYR A 167 -12.78 9.06 -8.24
N GLN A 168 -13.78 9.60 -8.97
CA GLN A 168 -13.89 11.04 -9.14
C GLN A 168 -14.03 11.78 -7.80
N VAL A 169 -14.81 11.23 -6.87
CA VAL A 169 -14.97 11.93 -5.59
C VAL A 169 -13.68 11.86 -4.79
N ALA A 170 -13.01 10.70 -4.78
CA ALA A 170 -11.72 10.62 -4.13
C ALA A 170 -10.72 11.62 -4.72
N LYS A 171 -10.76 11.81 -6.05
CA LYS A 171 -9.85 12.77 -6.68
C LYS A 171 -10.18 14.19 -6.24
N GLY A 172 -11.47 14.52 -6.19
CA GLY A 172 -11.87 15.84 -5.69
C GLY A 172 -11.38 16.11 -4.28
N MET A 173 -11.53 15.12 -3.40
CA MET A 173 -11.16 15.28 -2.00
C MET A 173 -9.65 15.29 -1.82
N ALA A 174 -8.94 14.45 -2.60
CA ALA A 174 -7.48 14.52 -2.59
C ALA A 174 -7.01 15.91 -2.97
N PHE A 175 -7.69 16.54 -3.94
CA PHE A 175 -7.36 17.90 -4.31
C PHE A 175 -7.60 18.87 -3.15
N LEU A 176 -8.75 18.76 -2.48
CA LEU A 176 -9.00 19.61 -1.33
C LEU A 176 -7.95 19.41 -0.25
N ALA A 177 -7.61 18.16 0.06
CA ALA A 177 -6.64 17.92 1.12
C ALA A 177 -5.26 18.45 0.73
N SER A 178 -4.92 18.39 -0.55
CA SER A 178 -3.64 18.92 -1.01
C SER A 178 -3.56 20.43 -0.85
N LYS A 179 -4.71 21.10 -0.65
CA LYS A 179 -4.75 22.54 -0.41
C LYS A 179 -4.97 22.87 1.07
N ASN A 180 -4.76 21.89 1.96
CA ASN A 180 -4.89 22.02 3.41
C ASN A 180 -6.33 22.30 3.82
N CYS A 181 -7.30 21.89 3.01
CA CYS A 181 -8.71 22.16 3.28
C CYS A 181 -9.46 20.88 3.61
N ILE A 182 -10.48 21.05 4.45
CA ILE A 182 -11.44 20.00 4.79
C ILE A 182 -12.83 20.54 4.44
N HIS A 183 -13.73 19.63 4.05
CA HIS A 183 -15.06 19.96 3.57
C HIS A 183 -16.11 19.90 4.67
N ARG A 184 -16.09 18.86 5.54
CA ARG A 184 -16.88 18.66 6.74
C ARG A 184 -18.34 18.28 6.50
N ASP A 185 -18.81 18.17 5.26
CA ASP A 185 -20.14 17.63 5.00
C ASP A 185 -20.13 16.79 3.73
N LEU A 186 -19.16 15.87 3.63
CA LEU A 186 -19.12 15.00 2.47
C LEU A 186 -20.18 13.89 2.63
N ALA A 187 -20.99 13.70 1.57
CA ALA A 187 -22.18 12.85 1.56
C ALA A 187 -22.67 12.84 0.13
N ALA A 188 -23.42 11.80 -0.24
CA ALA A 188 -23.93 11.70 -1.61
C ALA A 188 -24.82 12.90 -1.98
N ARG A 189 -25.54 13.47 -1.00
CA ARG A 189 -26.36 14.65 -1.29
C ARG A 189 -25.51 15.86 -1.67
N ASN A 190 -24.21 15.85 -1.36
CA ASN A 190 -23.32 16.97 -1.73
C ASN A 190 -22.34 16.62 -2.84
N ILE A 191 -22.65 15.57 -3.61
CA ILE A 191 -22.02 15.26 -4.89
C ILE A 191 -23.04 15.51 -5.97
N LEU A 192 -22.72 16.38 -6.93
CA LEU A 192 -23.59 16.65 -8.07
C LEU A 192 -23.04 15.98 -9.33
N LEU A 193 -23.94 15.75 -10.28
CA LEU A 193 -23.61 15.08 -11.52
C LEU A 193 -23.90 16.01 -12.69
N THR A 194 -22.94 16.10 -13.61
CA THR A 194 -23.13 16.94 -14.78
C THR A 194 -22.86 16.16 -16.06
N HIS A 195 -22.80 16.86 -17.20
CA HIS A 195 -22.59 16.20 -18.48
C HIS A 195 -21.33 15.35 -18.45
N GLY A 196 -21.40 14.20 -19.14
CA GLY A 196 -20.24 13.36 -19.25
C GLY A 196 -20.03 12.45 -18.08
N ASN A 197 -21.05 12.29 -17.23
CA ASN A 197 -20.94 11.48 -16.02
C ASN A 197 -19.85 12.00 -15.09
N ILE A 198 -19.63 13.31 -15.11
CA ILE A 198 -18.68 13.95 -14.20
C ILE A 198 -19.39 14.30 -12.89
N THR A 199 -18.80 13.88 -11.77
CA THR A 199 -19.30 14.21 -10.44
C THR A 199 -18.49 15.35 -9.86
N LYS A 200 -19.19 16.26 -9.18
CA LYS A 200 -18.57 17.43 -8.58
C LYS A 200 -18.98 17.57 -7.13
N ILE A 201 -17.99 17.83 -6.25
CA ILE A 201 -18.26 18.11 -4.85
C ILE A 201 -18.85 19.50 -4.73
N CYS A 202 -19.95 19.63 -4.00
CA CYS A 202 -20.57 20.94 -3.81
C CYS A 202 -20.70 21.30 -2.33
N ASP A 203 -21.17 22.54 -2.11
CA ASP A 203 -21.50 23.12 -0.81
C ASP A 203 -20.28 23.24 0.09
N PHE A 204 -19.55 24.34 -0.07
CA PHE A 204 -18.34 24.61 0.67
C PHE A 204 -18.58 25.57 1.83
N GLY A 205 -19.83 25.69 2.28
CA GLY A 205 -20.15 26.58 3.39
C GLY A 205 -19.38 26.29 4.66
N LEU A 206 -19.09 25.01 4.94
CA LEU A 206 -18.36 24.65 6.14
C LEU A 206 -16.91 24.29 5.88
N ALA A 207 -16.44 24.42 4.64
CA ALA A 207 -15.07 24.03 4.32
C ALA A 207 -14.10 25.01 4.99
N ARG A 208 -12.98 24.48 5.48
CA ARG A 208 -12.01 25.24 6.26
C ARG A 208 -10.60 24.89 5.80
N ASP A 209 -9.73 25.90 5.73
CA ASP A 209 -8.28 25.69 5.65
C ASP A 209 -7.78 25.47 7.07
N ILE A 210 -7.23 24.28 7.37
CA ILE A 210 -6.85 24.02 8.75
C ILE A 210 -5.51 24.64 9.13
N LYS A 211 -4.79 25.22 8.16
CA LYS A 211 -3.65 26.11 8.40
C LYS A 211 -2.62 25.52 9.34
N ASN A 212 -2.39 26.18 10.48
CA ASN A 212 -1.38 25.77 11.45
C ASN A 212 -1.88 24.78 12.49
N ASP A 213 -3.18 24.58 12.63
CA ASP A 213 -3.70 23.82 13.77
C ASP A 213 -3.73 22.32 13.53
N SER A 214 -3.68 21.88 12.26
CA SER A 214 -3.76 20.46 11.89
C SER A 214 -5.13 19.84 12.19
N ASN A 215 -6.01 20.59 12.84
CA ASN A 215 -7.40 20.18 12.99
C ASN A 215 -8.27 21.43 13.05
N TYR A 216 -9.57 21.20 13.21
CA TYR A 216 -10.55 22.26 13.36
C TYR A 216 -11.51 21.82 14.45
N VAL A 217 -11.66 22.62 15.50
CA VAL A 217 -12.68 22.38 16.51
C VAL A 217 -13.86 23.29 16.20
N ASP A 218 -15.03 22.69 15.98
CA ASP A 218 -16.20 23.45 15.56
C ASP A 218 -16.83 24.15 16.77
N LYS A 219 -16.96 25.47 16.66
CA LYS A 219 -17.53 26.29 17.73
C LYS A 219 -19.01 26.61 17.50
N GLY A 220 -19.59 26.10 16.42
CA GLY A 220 -20.99 26.35 16.11
C GLY A 220 -21.94 25.55 16.99
N ASN A 221 -23.23 25.74 16.72
CA ASN A 221 -24.30 25.05 17.43
C ASN A 221 -25.42 24.66 16.46
N ALA A 222 -25.05 24.26 15.25
CA ALA A 222 -26.01 23.94 14.20
C ALA A 222 -26.37 22.45 14.21
N ARG A 223 -27.35 22.11 13.38
CA ARG A 223 -27.69 20.72 13.15
C ARG A 223 -26.59 20.04 12.32
N LEU A 224 -26.21 18.83 12.73
CA LEU A 224 -25.01 18.17 12.21
C LEU A 224 -25.39 16.86 11.51
N PRO A 225 -24.61 16.45 10.49
CA PRO A 225 -24.89 15.22 9.72
C PRO A 225 -24.38 13.99 10.47
N VAL A 226 -25.05 13.66 11.59
CA VAL A 226 -24.49 12.71 12.57
C VAL A 226 -24.06 11.40 11.92
N LYS A 227 -24.89 10.83 11.03
CA LYS A 227 -24.57 9.52 10.49
C LYS A 227 -23.39 9.50 9.52
N TRP A 228 -22.88 10.68 9.11
CA TRP A 228 -21.70 10.77 8.28
C TRP A 228 -20.45 11.14 9.08
N MET A 229 -20.59 11.45 10.37
CA MET A 229 -19.48 12.02 11.13
C MET A 229 -18.60 10.97 11.79
N ALA A 230 -17.29 11.26 11.80
CA ALA A 230 -16.36 10.43 12.58
C ALA A 230 -16.68 10.53 14.08
N PRO A 231 -16.38 9.50 14.87
CA PRO A 231 -16.73 9.58 16.30
C PRO A 231 -16.05 10.72 17.01
N GLU A 232 -14.81 11.04 16.64
CA GLU A 232 -14.11 12.13 17.31
C GLU A 232 -14.77 13.47 17.00
N SER A 233 -15.42 13.58 15.85
CA SER A 233 -16.18 14.81 15.56
C SER A 233 -17.45 14.89 16.40
N ILE A 234 -18.17 13.77 16.54
CA ILE A 234 -19.37 13.76 17.38
C ILE A 234 -18.99 14.06 18.82
N PHE A 235 -17.98 13.35 19.35
CA PHE A 235 -17.75 13.36 20.78
C PHE A 235 -16.90 14.55 21.23
N ASN A 236 -16.02 15.05 20.35
CA ASN A 236 -15.12 16.12 20.75
C ASN A 236 -15.10 17.29 19.76
N SER A 237 -16.00 17.31 18.78
CA SER A 237 -16.14 18.46 17.85
C SER A 237 -14.84 18.76 17.09
N VAL A 238 -14.04 17.72 16.81
CA VAL A 238 -12.76 17.84 16.13
CA VAL A 238 -12.77 17.89 16.11
C VAL A 238 -12.92 17.37 14.69
N TYR A 239 -12.45 18.17 13.74
CA TYR A 239 -12.54 17.84 12.32
C TYR A 239 -11.15 17.93 11.72
N THR A 240 -10.83 16.97 10.85
CA THR A 240 -9.48 16.77 10.35
C THR A 240 -9.56 16.22 8.92
N PHE A 241 -8.39 16.10 8.28
CA PHE A 241 -8.33 15.32 7.05
C PHE A 241 -8.95 13.94 7.26
N GLU A 242 -8.65 13.31 8.41
CA GLU A 242 -9.10 11.96 8.69
C GLU A 242 -10.61 11.88 8.92
N SER A 243 -11.24 12.96 9.40
CA SER A 243 -12.68 12.89 9.56
C SER A 243 -13.39 13.04 8.23
N ASP A 244 -12.83 13.82 7.27
CA ASP A 244 -13.35 13.80 5.90
C ASP A 244 -13.28 12.39 5.31
N VAL A 245 -12.21 11.66 5.60
CA VAL A 245 -12.07 10.29 5.07
C VAL A 245 -13.14 9.37 5.65
N TRP A 246 -13.43 9.51 6.95
CA TRP A 246 -14.55 8.76 7.52
C TRP A 246 -15.83 9.00 6.71
N SER A 247 -16.15 10.27 6.43
CA SER A 247 -17.39 10.55 5.72
C SER A 247 -17.35 9.99 4.31
N TYR A 248 -16.17 9.97 3.68
CA TYR A 248 -16.07 9.36 2.35
C TYR A 248 -16.45 7.89 2.40
N GLY A 249 -16.02 7.19 3.44
CA GLY A 249 -16.44 5.81 3.64
C GLY A 249 -17.94 5.66 3.68
N ILE A 250 -18.62 6.57 4.40
CA ILE A 250 -20.07 6.53 4.44
C ILE A 250 -20.63 6.81 3.04
N PHE A 251 -20.05 7.79 2.34
CA PHE A 251 -20.45 8.06 0.96
C PHE A 251 -20.37 6.81 0.10
N LEU A 252 -19.26 6.08 0.18
CA LEU A 252 -19.12 4.83 -0.57
C LEU A 252 -20.25 3.86 -0.25
N TRP A 253 -20.65 3.78 1.02
CA TRP A 253 -21.73 2.87 1.37
C TRP A 253 -23.05 3.35 0.74
N GLU A 254 -23.29 4.67 0.75
CA GLU A 254 -24.45 5.18 0.04
C GLU A 254 -24.40 4.82 -1.44
N LEU A 255 -23.23 4.96 -2.04
CA LEU A 255 -23.10 4.76 -3.48
C LEU A 255 -23.44 3.34 -3.85
N PHE A 256 -22.81 2.39 -3.15
CA PHE A 256 -22.96 1.00 -3.56
C PHE A 256 -24.24 0.36 -3.04
N SER A 257 -24.98 1.02 -2.16
CA SER A 257 -26.33 0.59 -1.85
CA SER A 257 -26.33 0.62 -1.83
C SER A 257 -27.37 1.24 -2.76
N LEU A 258 -26.92 2.01 -3.76
CA LEU A 258 -27.83 2.69 -4.70
C LEU A 258 -28.73 3.67 -3.96
N GLY A 259 -28.17 4.36 -2.98
CA GLY A 259 -28.83 5.48 -2.35
C GLY A 259 -29.57 5.19 -1.08
N SER A 260 -29.26 4.08 -0.40
CA SER A 260 -29.93 3.83 0.86
C SER A 260 -29.45 4.80 1.92
N SER A 261 -30.33 5.10 2.88
CA SER A 261 -29.92 5.88 4.03
C SER A 261 -28.99 5.04 4.91
N PRO A 262 -27.93 5.62 5.46
CA PRO A 262 -26.99 4.84 6.27
C PRO A 262 -27.60 4.41 7.58
N TYR A 263 -27.03 3.33 8.13
CA TYR A 263 -27.48 2.74 9.38
C TYR A 263 -29.01 2.56 9.38
N PRO A 264 -29.54 1.78 8.45
CA PRO A 264 -31.00 1.55 8.43
C PRO A 264 -31.49 0.97 9.75
N GLY A 265 -32.64 1.45 10.19
CA GLY A 265 -33.25 0.98 11.42
C GLY A 265 -32.52 1.38 12.69
N MET A 266 -31.70 2.42 12.62
CA MET A 266 -30.99 2.93 13.80
C MET A 266 -31.22 4.43 13.86
N PRO A 267 -32.15 4.91 14.67
CA PRO A 267 -32.27 6.35 14.87
C PRO A 267 -31.04 6.91 15.58
N VAL A 268 -30.85 8.22 15.43
CA VAL A 268 -29.77 8.89 16.15
C VAL A 268 -30.26 9.12 17.57
N ASP A 269 -29.67 8.40 18.52
CA ASP A 269 -30.08 8.42 19.93
C ASP A 269 -28.92 7.82 20.73
N SER A 270 -29.14 7.63 22.03
CA SER A 270 -28.07 7.14 22.91
C SER A 270 -27.50 5.83 22.40
N LYS A 271 -28.37 4.92 21.96
CA LYS A 271 -27.88 3.62 21.47
C LYS A 271 -27.00 3.79 20.23
N PHE A 272 -27.33 4.74 19.35
CA PHE A 272 -26.51 4.96 18.18
C PHE A 272 -25.08 5.31 18.57
N TYR A 273 -24.92 6.27 19.49
CA TYR A 273 -23.59 6.72 19.82
C TYR A 273 -22.80 5.62 20.51
N LYS A 274 -23.45 4.88 21.42
CA LYS A 274 -22.78 3.78 22.10
C LYS A 274 -22.30 2.72 21.11
N MET A 275 -23.15 2.36 20.15
CA MET A 275 -22.76 1.33 19.19
C MET A 275 -21.59 1.78 18.36
N ILE A 276 -21.62 3.04 17.86
CA ILE A 276 -20.50 3.53 17.07
C ILE A 276 -19.23 3.54 17.91
N LYS A 277 -19.35 4.01 19.15
CA LYS A 277 -18.20 4.06 20.04
C LYS A 277 -17.62 2.67 20.26
N GLU A 278 -18.49 1.67 20.38
CA GLU A 278 -18.04 0.30 20.65
C GLU A 278 -17.52 -0.42 19.41
N GLY A 279 -17.68 0.17 18.23
CA GLY A 279 -17.13 -0.39 17.01
C GLY A 279 -18.14 -0.94 16.01
N PHE A 280 -19.44 -0.72 16.21
CA PHE A 280 -20.41 -1.18 15.23
C PHE A 280 -20.13 -0.50 13.89
N ARG A 281 -20.15 -1.27 12.81
CA ARG A 281 -20.03 -0.69 11.47
C ARG A 281 -21.08 -1.34 10.56
N MET A 282 -21.53 -0.57 9.56
CA MET A 282 -22.39 -1.11 8.52
C MET A 282 -21.71 -2.27 7.78
N SER A 283 -22.53 -3.25 7.37
CA SER A 283 -22.09 -4.38 6.57
CA SER A 283 -22.06 -4.37 6.57
C SER A 283 -21.89 -3.96 5.11
N SER A 284 -21.35 -4.86 4.32
CA SER A 284 -21.10 -4.54 2.92
C SER A 284 -22.41 -4.40 2.15
N PRO A 285 -22.56 -3.33 1.37
CA PRO A 285 -23.72 -3.19 0.49
C PRO A 285 -23.77 -4.26 -0.57
N GLU A 286 -24.99 -4.54 -1.03
CA GLU A 286 -25.22 -5.62 -1.99
C GLU A 286 -24.27 -5.56 -3.19
N TYR A 287 -24.06 -4.37 -3.73
CA TYR A 287 -23.35 -4.26 -4.99
C TYR A 287 -21.89 -3.82 -4.84
N ALA A 288 -21.41 -3.66 -3.61
CA ALA A 288 -20.02 -3.26 -3.39
C ALA A 288 -19.05 -4.38 -3.72
N PRO A 289 -18.06 -4.16 -4.59
CA PRO A 289 -16.96 -5.12 -4.71
C PRO A 289 -16.22 -5.25 -3.39
N ALA A 290 -15.61 -6.43 -3.18
CA ALA A 290 -14.90 -6.68 -1.92
C ALA A 290 -13.85 -5.62 -1.63
N GLU A 291 -13.10 -5.19 -2.67
CA GLU A 291 -12.05 -4.21 -2.49
C GLU A 291 -12.60 -2.83 -2.15
N MET A 292 -13.84 -2.55 -2.54
CA MET A 292 -14.44 -1.27 -2.15
C MET A 292 -14.95 -1.30 -0.71
N TYR A 293 -15.51 -2.44 -0.25
CA TYR A 293 -15.87 -2.51 1.16
C TYR A 293 -14.62 -2.44 2.02
N ASP A 294 -13.49 -2.97 1.51
CA ASP A 294 -12.24 -2.90 2.26
C ASP A 294 -11.86 -1.46 2.53
N ILE A 295 -11.93 -0.60 1.51
CA ILE A 295 -11.74 0.83 1.72
C ILE A 295 -12.72 1.39 2.76
N MET A 296 -14.01 1.08 2.63
CA MET A 296 -14.98 1.54 3.64
C MET A 296 -14.52 1.19 5.05
N LYS A 297 -14.11 -0.07 5.27
CA LYS A 297 -13.77 -0.47 6.63
C LYS A 297 -12.58 0.33 7.15
N THR A 298 -11.62 0.64 6.28
CA THR A 298 -10.45 1.38 6.77
C THR A 298 -10.78 2.85 6.99
N CYS A 299 -11.66 3.42 6.17
CA CYS A 299 -12.15 4.77 6.45
C CYS A 299 -12.87 4.88 7.79
N TRP A 300 -13.44 3.79 8.27
CA TRP A 300 -14.17 3.82 9.52
C TRP A 300 -13.36 3.26 10.69
N ASP A 301 -12.04 3.31 10.62
CA ASP A 301 -11.24 2.94 11.77
C ASP A 301 -11.44 3.93 12.92
N ALA A 302 -11.60 3.40 14.14
CA ALA A 302 -11.77 4.27 15.30
C ALA A 302 -10.54 5.14 15.52
N ASP A 303 -9.35 4.63 15.16
CA ASP A 303 -8.10 5.39 15.21
C ASP A 303 -7.95 6.22 13.95
N PRO A 304 -8.08 7.54 14.02
CA PRO A 304 -7.92 8.36 12.80
C PRO A 304 -6.62 8.09 12.04
N ASP A 305 -5.52 7.82 12.76
CA ASP A 305 -4.22 7.57 12.13
C ASP A 305 -4.18 6.34 11.25
N LYS A 306 -5.08 5.39 11.48
CA LYS A 306 -5.11 4.17 10.68
C LYS A 306 -5.99 4.28 9.44
N ARG A 307 -6.70 5.41 9.25
CA ARG A 307 -7.48 5.58 8.04
C ARG A 307 -6.57 5.90 6.86
N PRO A 308 -6.96 5.52 5.63
CA PRO A 308 -6.18 5.90 4.47
C PRO A 308 -6.30 7.39 4.23
N THR A 309 -5.35 7.93 3.48
CA THR A 309 -5.51 9.28 2.93
C THR A 309 -6.28 9.22 1.63
N PHE A 310 -6.80 10.38 1.17
CA PHE A 310 -7.45 10.38 -0.14
C PHE A 310 -6.47 10.02 -1.25
N LYS A 311 -5.21 10.44 -1.12
CA LYS A 311 -4.18 10.07 -2.10
C LYS A 311 -4.10 8.56 -2.22
N GLN A 312 -4.05 7.87 -1.07
CA GLN A 312 -3.99 6.42 -1.07
C GLN A 312 -5.24 5.81 -1.66
N ILE A 313 -6.41 6.38 -1.35
CA ILE A 313 -7.66 5.87 -1.91
C ILE A 313 -7.68 6.00 -3.42
N VAL A 314 -7.30 7.17 -3.96
CA VAL A 314 -7.22 7.32 -5.42
C VAL A 314 -6.39 6.21 -6.05
N GLN A 315 -5.21 5.95 -5.50
CA GLN A 315 -4.33 4.96 -6.12
C GLN A 315 -4.94 3.56 -6.06
N ASP A 316 -5.64 3.26 -4.96
CA ASP A 316 -6.30 1.97 -4.78
C ASP A 316 -7.39 1.78 -5.81
N ILE A 317 -8.30 2.75 -5.91
CA ILE A 317 -9.39 2.68 -6.89
C ILE A 317 -8.85 2.69 -8.32
N GLU A 318 -7.77 3.44 -8.57
CA GLU A 318 -7.10 3.37 -9.87
C GLU A 318 -6.71 1.94 -10.22
N LYS A 319 -6.10 1.25 -9.26
CA LYS A 319 -5.73 -0.15 -9.46
C LYS A 319 -6.95 -1.00 -9.77
N GLN A 320 -8.05 -0.81 -9.04
CA GLN A 320 -9.26 -1.57 -9.30
C GLN A 320 -9.80 -1.32 -10.70
N ILE A 321 -9.85 -0.05 -11.11
CA ILE A 321 -10.37 0.27 -12.45
C ILE A 321 -9.55 -0.44 -13.53
N SER A 322 -8.22 -0.32 -13.45
CA SER A 322 -7.37 -0.91 -14.49
C SER A 322 -7.40 -2.43 -14.49
N GLU A 323 -7.95 -3.05 -13.45
CA GLU A 323 -8.04 -4.51 -13.40
C GLU A 323 -9.48 -4.95 -13.66
N ASN B 19 -12.05 -29.41 14.68
CA ASN B 19 -10.80 -30.07 15.02
C ASN B 19 -10.44 -31.21 14.06
N ASN B 20 -11.30 -31.46 13.08
CA ASN B 20 -11.12 -32.56 12.13
C ASN B 20 -10.29 -32.18 10.91
N TYR B 21 -10.02 -30.90 10.68
CA TYR B 21 -9.12 -30.46 9.62
C TYR B 21 -7.93 -29.74 10.25
N SER B 22 -6.74 -29.96 9.69
CA SER B 22 -5.55 -29.29 10.20
C SER B 22 -4.52 -29.13 9.10
N TYR B 23 -3.58 -28.22 9.33
CA TYR B 23 -2.47 -28.01 8.41
C TYR B 23 -1.41 -29.07 8.68
N ILE B 24 -0.97 -29.77 7.63
CA ILE B 24 0.03 -30.83 7.78
C ILE B 24 1.40 -30.17 7.94
N ASP B 25 2.04 -30.43 9.06
CA ASP B 25 3.35 -29.89 9.38
C ASP B 25 4.41 -30.74 8.68
N PRO B 26 5.12 -30.17 7.69
CA PRO B 26 6.09 -30.97 6.93
C PRO B 26 7.21 -31.53 7.79
N THR B 27 7.55 -30.84 8.89
CA THR B 27 8.56 -31.35 9.81
C THR B 27 8.07 -32.51 10.68
N GLN B 28 6.77 -32.75 10.76
CA GLN B 28 6.26 -33.91 11.50
C GLN B 28 6.12 -35.14 10.63
N LEU B 29 6.28 -34.99 9.30
CA LEU B 29 6.10 -36.13 8.41
C LEU B 29 7.30 -37.06 8.49
N PRO B 30 7.09 -38.33 8.20
CA PRO B 30 8.20 -39.29 8.15
C PRO B 30 9.22 -38.94 7.07
N TYR B 31 10.48 -39.24 7.36
CA TYR B 31 11.49 -39.15 6.32
C TYR B 31 11.17 -40.16 5.21
N ASP B 32 11.21 -39.70 3.96
CA ASP B 32 10.88 -40.57 2.83
C ASP B 32 12.14 -41.24 2.31
N HIS B 33 12.23 -42.56 2.44
CA HIS B 33 13.48 -43.24 2.06
C HIS B 33 13.74 -43.25 0.56
N LYS B 34 12.84 -42.68 -0.25
CA LYS B 34 13.17 -42.50 -1.67
C LYS B 34 14.44 -41.67 -1.83
N TRP B 35 14.76 -40.82 -0.84
CA TRP B 35 15.95 -39.99 -0.88
C TRP B 35 17.21 -40.74 -0.48
N GLU B 36 17.10 -41.94 0.07
CA GLU B 36 18.25 -42.53 0.73
C GLU B 36 19.35 -42.91 -0.27
N PHE B 37 20.60 -42.57 0.09
CA PHE B 37 21.76 -42.81 -0.76
C PHE B 37 22.86 -43.45 0.10
N PRO B 38 23.55 -44.48 -0.40
CA PRO B 38 24.55 -45.17 0.45
C PRO B 38 25.74 -44.28 0.70
N ARG B 39 26.12 -44.12 1.97
CA ARG B 39 27.23 -43.21 2.23
C ARG B 39 28.58 -43.81 1.81
N ASN B 40 28.66 -45.13 1.56
CA ASN B 40 29.92 -45.64 1.04
C ASN B 40 30.11 -45.31 -0.43
N ARG B 41 29.17 -44.57 -1.04
CA ARG B 41 29.33 -44.09 -2.40
C ARG B 41 29.47 -42.57 -2.46
N LEU B 42 29.69 -41.92 -1.32
CA LEU B 42 30.00 -40.51 -1.21
C LEU B 42 31.44 -40.33 -0.77
N SER B 43 32.22 -39.58 -1.55
CA SER B 43 33.60 -39.29 -1.22
CA SER B 43 33.60 -39.30 -1.22
C SER B 43 33.74 -37.80 -1.01
N PHE B 44 34.14 -37.41 0.21
CA PHE B 44 34.17 -35.99 0.57
C PHE B 44 35.41 -35.31 -0.02
N GLY B 45 35.21 -34.07 -0.52
CA GLY B 45 36.26 -33.21 -1.04
C GLY B 45 36.44 -31.98 -0.18
N LYS B 46 36.45 -30.79 -0.82
CA LYS B 46 36.78 -29.54 -0.16
C LYS B 46 35.62 -29.06 0.70
N THR B 47 35.95 -28.46 1.85
CA THR B 47 34.92 -27.83 2.67
C THR B 47 34.46 -26.54 2.01
N LEU B 48 33.15 -26.40 1.85
CA LEU B 48 32.56 -25.20 1.25
C LEU B 48 32.07 -24.20 2.29
N GLY B 49 31.77 -24.65 3.48
CA GLY B 49 31.32 -23.74 4.52
C GLY B 49 31.32 -24.46 5.85
N ALA B 50 31.47 -23.71 6.93
CA ALA B 50 31.55 -24.29 8.26
C ALA B 50 30.84 -23.37 9.23
N GLY B 51 30.26 -23.97 10.27
CA GLY B 51 29.45 -23.21 11.19
C GLY B 51 29.43 -23.82 12.58
N ALA B 52 28.58 -23.28 13.45
CA ALA B 52 28.41 -23.87 14.78
C ALA B 52 27.78 -25.25 14.67
N PHE B 53 26.81 -25.42 13.77
CA PHE B 53 26.19 -26.73 13.59
C PHE B 53 27.20 -27.74 13.06
N GLY B 54 27.75 -27.48 11.88
CA GLY B 54 28.68 -28.40 11.25
C GLY B 54 29.36 -27.81 10.03
N LYS B 55 29.11 -28.37 8.86
CA LYS B 55 29.83 -27.91 7.68
C LYS B 55 29.17 -28.49 6.43
N VAL B 56 29.49 -27.87 5.30
CA VAL B 56 29.08 -28.34 3.99
C VAL B 56 30.33 -28.60 3.19
N VAL B 57 30.42 -29.78 2.57
CA VAL B 57 31.57 -30.11 1.76
C VAL B 57 31.13 -30.43 0.34
N GLU B 58 32.02 -30.20 -0.60
CA GLU B 58 31.86 -30.72 -1.94
C GLU B 58 32.13 -32.23 -1.88
N ALA B 59 31.36 -33.02 -2.64
CA ALA B 59 31.56 -34.47 -2.60
C ALA B 59 31.28 -35.05 -3.98
N THR B 60 31.83 -36.24 -4.23
CA THR B 60 31.47 -37.02 -5.40
C THR B 60 30.49 -38.09 -4.95
N ALA B 61 29.38 -38.21 -5.67
CA ALA B 61 28.33 -39.18 -5.39
C ALA B 61 28.31 -40.18 -6.55
N GLN B 62 28.73 -41.42 -6.29
CA GLN B 62 28.78 -42.38 -7.37
C GLN B 62 27.40 -43.00 -7.59
N GLY B 63 26.90 -42.92 -8.82
CA GLY B 63 25.65 -43.57 -9.14
C GLY B 63 24.41 -42.82 -8.70
N LEU B 64 24.55 -41.57 -8.25
CA LEU B 64 23.39 -40.84 -7.76
C LEU B 64 22.33 -40.68 -8.86
N ILE B 65 22.75 -40.29 -10.06
CA ILE B 65 21.83 -40.17 -11.18
C ILE B 65 21.80 -41.49 -11.90
N LYS B 66 22.97 -41.91 -12.40
CA LYS B 66 23.16 -43.23 -12.96
C LYS B 66 24.58 -43.67 -12.64
N SER B 67 24.78 -44.98 -12.52
CA SER B 67 26.10 -45.45 -12.15
C SER B 67 27.06 -45.49 -13.34
N ASP B 68 26.60 -45.10 -14.52
CA ASP B 68 27.51 -44.84 -15.63
C ASP B 68 28.33 -43.57 -15.41
N ALA B 69 28.15 -42.85 -14.29
CA ALA B 69 28.84 -41.58 -14.08
C ALA B 69 28.72 -41.14 -12.63
N ALA B 70 29.68 -40.32 -12.22
CA ALA B 70 29.69 -39.71 -10.90
C ALA B 70 29.26 -38.24 -11.04
N MET B 71 28.77 -37.70 -9.95
CA MET B 71 28.20 -36.36 -9.94
C MET B 71 28.79 -35.60 -8.76
N THR B 72 29.24 -34.37 -9.01
CA THR B 72 29.64 -33.51 -7.90
C THR B 72 28.40 -32.97 -7.20
N VAL B 73 28.38 -33.05 -5.86
CA VAL B 73 27.25 -32.64 -5.03
C VAL B 73 27.81 -31.86 -3.85
N ALA B 74 26.92 -31.23 -3.09
CA ALA B 74 27.25 -30.69 -1.78
C ALA B 74 26.61 -31.55 -0.70
N VAL B 75 27.29 -31.69 0.43
CA VAL B 75 26.82 -32.52 1.53
C VAL B 75 26.87 -31.69 2.81
N LYS B 76 25.74 -31.57 3.49
CA LYS B 76 25.69 -30.93 4.79
C LYS B 76 25.67 -31.97 5.91
N MET B 77 26.41 -31.66 6.98
CA MET B 77 26.62 -32.58 8.09
C MET B 77 26.92 -31.79 9.34
N LEU B 78 26.78 -32.44 10.49
CA LEU B 78 27.04 -31.80 11.78
C LEU B 78 28.40 -32.22 12.31
N LYS B 79 28.90 -31.46 13.28
CA LYS B 79 30.11 -31.86 13.97
C LYS B 79 29.82 -33.10 14.82
N PRO B 80 30.83 -33.93 15.05
CA PRO B 80 30.61 -35.08 15.94
C PRO B 80 30.12 -34.68 17.32
N SER B 81 30.34 -33.44 17.72
CA SER B 81 30.02 -32.95 19.05
C SER B 81 28.61 -32.38 19.16
N ALA B 82 27.86 -32.36 18.05
CA ALA B 82 26.52 -31.81 18.05
C ALA B 82 25.62 -32.55 19.02
N HIS B 83 24.67 -31.82 19.58
CA HIS B 83 23.74 -32.36 20.56
C HIS B 83 22.42 -32.65 19.87
N SER B 84 21.48 -33.22 20.64
CA SER B 84 20.23 -33.70 20.07
C SER B 84 19.47 -32.58 19.37
N THR B 85 19.44 -31.38 19.97
CA THR B 85 18.73 -30.26 19.37
C THR B 85 19.24 -29.95 17.97
N GLU B 86 20.57 -29.86 17.81
CA GLU B 86 21.14 -29.56 16.50
C GLU B 86 20.92 -30.70 15.51
N ARG B 87 20.96 -31.94 15.98
CA ARG B 87 20.72 -33.07 15.08
C ARG B 87 19.28 -33.06 14.58
N GLU B 88 18.32 -32.74 15.45
CA GLU B 88 16.93 -32.63 15.03
C GLU B 88 16.76 -31.48 14.05
N ALA B 89 17.52 -30.39 14.21
CA ALA B 89 17.38 -29.27 13.28
C ALA B 89 17.78 -29.65 11.86
N LEU B 90 18.84 -30.47 11.73
CA LEU B 90 19.24 -30.91 10.40
C LEU B 90 18.19 -31.82 9.79
N MET B 91 17.64 -32.75 10.57
CA MET B 91 16.58 -33.60 10.05
C MET B 91 15.37 -32.76 9.64
N SER B 92 15.03 -31.75 10.44
CA SER B 92 13.91 -30.90 10.08
CA SER B 92 13.90 -30.88 10.09
C SER B 92 14.17 -30.16 8.77
N GLU B 93 15.40 -29.68 8.56
CA GLU B 93 15.73 -29.03 7.29
C GLU B 93 15.57 -30.00 6.12
N LEU B 94 16.02 -31.25 6.30
CA LEU B 94 15.82 -32.26 5.27
C LEU B 94 14.34 -32.44 4.95
N LYS B 95 13.48 -32.45 5.98
CA LYS B 95 12.06 -32.69 5.76
C LYS B 95 11.40 -31.49 5.06
N VAL B 96 11.85 -30.28 5.38
CA VAL B 96 11.35 -29.09 4.68
C VAL B 96 11.75 -29.15 3.21
N LEU B 97 13.01 -29.46 2.93
CA LEU B 97 13.44 -29.58 1.53
C LEU B 97 12.68 -30.68 0.82
N SER B 98 12.41 -31.80 1.53
CA SER B 98 11.64 -32.87 0.92
C SER B 98 10.25 -32.42 0.56
N TYR B 99 9.65 -31.59 1.41
CA TYR B 99 8.28 -31.11 1.17
C TYR B 99 8.24 -30.08 0.05
N LEU B 100 9.27 -29.23 -0.01
CA LEU B 100 9.25 -28.08 -0.91
C LEU B 100 9.08 -28.50 -2.37
N GLY B 101 9.77 -29.54 -2.78
CA GLY B 101 9.79 -29.89 -4.18
C GLY B 101 10.85 -29.07 -4.91
N ASN B 102 10.97 -29.34 -6.20
CA ASN B 102 12.12 -28.91 -6.99
C ASN B 102 11.81 -27.56 -7.65
N HIS B 103 12.80 -26.67 -7.68
CA HIS B 103 12.67 -25.43 -8.44
C HIS B 103 14.03 -25.02 -8.97
N GLU B 104 14.04 -24.44 -10.18
CA GLU B 104 15.28 -24.05 -10.85
C GLU B 104 16.11 -23.08 -10.00
N ASN B 105 15.47 -22.22 -9.20
CA ASN B 105 16.21 -21.17 -8.52
C ASN B 105 16.39 -21.44 -7.03
N ILE B 106 16.37 -22.72 -6.62
CA ILE B 106 16.83 -23.07 -5.29
C ILE B 106 17.86 -24.17 -5.42
N VAL B 107 18.67 -24.33 -4.38
CA VAL B 107 19.62 -25.42 -4.31
C VAL B 107 18.83 -26.66 -3.90
N ASN B 108 18.62 -27.59 -4.83
CA ASN B 108 17.64 -28.65 -4.64
C ASN B 108 18.24 -29.81 -3.87
N LEU B 109 17.38 -30.43 -3.08
CA LEU B 109 17.69 -31.70 -2.42
C LEU B 109 17.91 -32.80 -3.46
N LEU B 110 18.98 -33.59 -3.28
CA LEU B 110 19.26 -34.70 -4.18
C LEU B 110 19.21 -36.04 -3.48
N GLY B 111 19.38 -36.06 -2.18
CA GLY B 111 19.45 -37.32 -1.47
C GLY B 111 19.80 -37.09 -0.01
N ALA B 112 19.86 -38.20 0.74
CA ALA B 112 20.21 -38.11 2.14
C ALA B 112 20.82 -39.43 2.57
N CYS B 113 21.62 -39.37 3.64
CA CYS B 113 22.11 -40.57 4.31
C CYS B 113 21.61 -40.54 5.74
N THR B 114 20.80 -41.51 6.12
CA THR B 114 20.24 -41.57 7.47
C THR B 114 20.56 -42.87 8.17
N HIS B 115 20.86 -43.92 7.43
CA HIS B 115 21.21 -45.21 7.99
C HIS B 115 22.71 -45.29 8.23
N GLY B 116 23.08 -46.01 9.30
CA GLY B 116 24.47 -46.32 9.55
C GLY B 116 25.37 -45.15 9.92
N GLY B 117 24.80 -44.05 10.44
CA GLY B 117 25.61 -42.90 10.78
C GLY B 117 24.80 -41.64 10.93
N PRO B 118 25.49 -40.53 11.20
CA PRO B 118 24.83 -39.23 11.30
C PRO B 118 24.15 -38.85 10.00
N THR B 119 23.15 -37.97 10.12
CA THR B 119 22.43 -37.47 8.95
C THR B 119 23.35 -36.69 8.02
N LEU B 120 23.35 -37.05 6.74
CA LEU B 120 23.98 -36.28 5.70
C LEU B 120 22.89 -35.81 4.74
N VAL B 121 22.89 -34.52 4.38
CA VAL B 121 21.91 -34.00 3.43
C VAL B 121 22.64 -33.61 2.15
N ILE B 122 22.25 -34.23 1.04
CA ILE B 122 22.95 -34.09 -0.24
C ILE B 122 22.16 -33.13 -1.11
N THR B 123 22.80 -32.04 -1.55
CA THR B 123 22.14 -31.04 -2.40
C THR B 123 22.94 -30.79 -3.68
N GLU B 124 22.35 -30.02 -4.59
CA GLU B 124 23.06 -29.61 -5.79
C GLU B 124 24.32 -28.83 -5.42
N TYR B 125 25.37 -28.97 -6.24
CA TYR B 125 26.59 -28.20 -6.10
C TYR B 125 26.59 -27.06 -7.12
N CYS B 126 26.88 -25.82 -6.66
CA CYS B 126 26.86 -24.63 -7.51
C CYS B 126 28.29 -24.18 -7.78
N CYS B 127 28.74 -24.33 -9.03
CA CYS B 127 30.17 -24.30 -9.30
C CYS B 127 30.83 -22.94 -9.10
N TYR B 128 30.07 -21.84 -9.13
CA TYR B 128 30.69 -20.53 -9.03
C TYR B 128 30.60 -19.93 -7.62
N GLY B 129 30.06 -20.66 -6.65
CA GLY B 129 30.01 -20.15 -5.29
C GLY B 129 28.95 -19.08 -5.07
N ASP B 130 29.08 -18.36 -3.96
CA ASP B 130 28.04 -17.41 -3.58
C ASP B 130 28.14 -16.13 -4.41
N LEU B 131 26.98 -15.48 -4.57
CA LEU B 131 26.83 -14.29 -5.38
C LEU B 131 27.54 -13.08 -4.79
N LEU B 132 27.60 -12.96 -3.46
CA LEU B 132 28.30 -11.82 -2.86
C LEU B 132 29.78 -11.81 -3.26
N ASN B 133 30.49 -12.94 -3.11
CA ASN B 133 31.90 -12.96 -3.50
C ASN B 133 32.06 -12.84 -5.00
N PHE B 134 31.11 -13.36 -5.77
CA PHE B 134 31.15 -13.21 -7.21
C PHE B 134 31.07 -11.75 -7.61
N LEU B 135 30.13 -11.02 -7.01
CA LEU B 135 29.99 -9.60 -7.33
C LEU B 135 31.25 -8.85 -6.94
N ARG B 136 31.80 -9.15 -5.77
CA ARG B 136 33.00 -8.46 -5.32
C ARG B 136 34.20 -8.77 -6.22
N ARG B 137 34.28 -9.99 -6.76
CA ARG B 137 35.37 -10.35 -7.67
CA ARG B 137 35.38 -10.33 -7.68
C ARG B 137 35.23 -9.64 -9.02
N LYS B 138 33.99 -9.42 -9.47
CA LYS B 138 33.69 -8.86 -10.78
C LYS B 138 33.51 -7.34 -10.77
N ARG B 139 33.56 -6.72 -9.60
CA ARG B 139 33.20 -5.30 -9.46
C ARG B 139 34.09 -4.42 -10.32
N ASP B 140 35.37 -4.78 -10.44
CA ASP B 140 36.31 -3.93 -11.16
C ASP B 140 36.08 -3.98 -12.66
N GLU B 141 35.52 -5.06 -13.18
CA GLU B 141 35.33 -5.18 -14.63
C GLU B 141 33.91 -4.89 -15.07
N PHE B 142 33.01 -4.56 -14.13
CA PHE B 142 31.61 -4.31 -14.46
C PHE B 142 31.49 -3.12 -15.40
N VAL B 143 30.68 -3.28 -16.44
CA VAL B 143 30.35 -2.16 -17.32
C VAL B 143 28.83 -2.20 -17.51
N PRO B 144 28.10 -1.10 -17.31
CA PRO B 144 26.63 -1.23 -17.35
C PRO B 144 26.11 -1.77 -18.69
N TYR B 145 26.73 -1.40 -19.81
CA TYR B 145 26.35 -1.85 -21.14
C TYR B 145 27.54 -2.50 -21.82
N LYS B 146 27.33 -3.68 -22.40
CA LYS B 146 28.37 -4.36 -23.19
C LYS B 146 28.89 -3.47 -24.32
N ASP B 155 33.69 -11.84 -20.78
CA ASP B 155 32.84 -12.24 -19.66
C ASP B 155 32.74 -11.15 -18.60
N PHE B 156 32.26 -9.97 -18.99
CA PHE B 156 32.08 -8.86 -18.08
C PHE B 156 30.66 -8.86 -17.52
N LEU B 157 30.53 -8.45 -16.27
CA LEU B 157 29.24 -8.24 -15.65
C LEU B 157 28.62 -6.93 -16.19
N THR B 158 27.30 -6.96 -16.42
CA THR B 158 26.57 -5.82 -16.99
C THR B 158 25.23 -5.67 -16.28
N LEU B 159 24.54 -4.57 -16.56
CA LEU B 159 23.22 -4.34 -15.98
C LEU B 159 22.27 -5.48 -16.30
N GLU B 160 22.34 -6.00 -17.53
CA GLU B 160 21.48 -7.10 -17.92
C GLU B 160 21.67 -8.29 -16.99
N HIS B 161 22.90 -8.61 -16.63
CA HIS B 161 23.15 -9.70 -15.66
C HIS B 161 22.50 -9.44 -14.32
N LEU B 162 22.65 -8.22 -13.79
CA LEU B 162 22.11 -7.91 -12.49
C LEU B 162 20.59 -8.00 -12.51
N LEU B 163 19.95 -7.50 -13.58
CA LEU B 163 18.50 -7.62 -13.69
C LEU B 163 18.09 -9.09 -13.72
N SER B 164 18.82 -9.92 -14.47
CA SER B 164 18.53 -11.35 -14.51
C SER B 164 18.62 -11.97 -13.10
N PHE B 165 19.69 -11.68 -12.38
CA PHE B 165 19.82 -12.20 -11.01
C PHE B 165 18.66 -11.77 -10.11
N SER B 166 18.24 -10.50 -10.22
CA SER B 166 17.13 -10.03 -9.38
C SER B 166 15.86 -10.81 -9.69
N TYR B 167 15.63 -11.09 -10.97
CA TYR B 167 14.47 -11.82 -11.44
C TYR B 167 14.49 -13.24 -10.92
N GLN B 168 15.61 -13.92 -11.13
CA GLN B 168 15.77 -15.31 -10.68
C GLN B 168 15.56 -15.45 -9.17
N VAL B 169 16.18 -14.58 -8.36
CA VAL B 169 15.98 -14.69 -6.92
C VAL B 169 14.52 -14.45 -6.57
N ALA B 170 13.90 -13.45 -7.22
CA ALA B 170 12.49 -13.21 -6.97
C ALA B 170 11.63 -14.42 -7.33
N LYS B 171 12.00 -15.14 -8.40
CA LYS B 171 11.21 -16.32 -8.78
C LYS B 171 11.38 -17.44 -7.76
N GLY B 172 12.60 -17.65 -7.27
CA GLY B 172 12.80 -18.70 -6.25
C GLY B 172 12.04 -18.36 -4.97
N MET B 173 11.99 -17.05 -4.62
CA MET B 173 11.30 -16.69 -3.37
C MET B 173 9.79 -16.80 -3.56
N ALA B 174 9.29 -16.46 -4.76
CA ALA B 174 7.87 -16.66 -5.06
C ALA B 174 7.49 -18.12 -4.94
N PHE B 175 8.36 -19.01 -5.40
CA PHE B 175 8.14 -20.44 -5.24
C PHE B 175 8.08 -20.83 -3.76
N LEU B 176 9.03 -20.35 -2.95
CA LEU B 176 8.97 -20.65 -1.53
C LEU B 176 7.67 -20.16 -0.92
N ALA B 177 7.31 -18.90 -1.17
CA ALA B 177 6.06 -18.40 -0.60
C ALA B 177 4.85 -19.18 -1.09
N SER B 178 4.90 -19.68 -2.33
CA SER B 178 3.76 -20.44 -2.83
C SER B 178 3.60 -21.77 -2.11
N LYS B 179 4.68 -22.28 -1.52
CA LYS B 179 4.66 -23.45 -0.66
C LYS B 179 4.49 -23.10 0.81
N ASN B 180 4.17 -21.83 1.11
CA ASN B 180 3.91 -21.34 2.46
C ASN B 180 5.15 -21.36 3.33
N CYS B 181 6.31 -21.17 2.71
CA CYS B 181 7.60 -21.24 3.38
CA CYS B 181 7.56 -21.22 3.44
C CYS B 181 8.25 -19.87 3.43
N ILE B 182 8.90 -19.56 4.54
CA ILE B 182 9.79 -18.43 4.64
C ILE B 182 11.21 -18.93 4.84
N HIS B 183 12.17 -18.15 4.33
CA HIS B 183 13.58 -18.55 4.36
C HIS B 183 14.30 -18.00 5.59
N ARG B 184 14.04 -16.75 5.96
CA ARG B 184 14.53 -16.04 7.15
C ARG B 184 16.01 -15.62 7.10
N ASP B 185 16.75 -15.94 6.03
CA ASP B 185 18.12 -15.44 5.93
C ASP B 185 18.47 -15.17 4.47
N LEU B 186 17.58 -14.46 3.79
CA LEU B 186 17.85 -14.10 2.41
C LEU B 186 18.86 -12.95 2.35
N ALA B 187 19.84 -13.10 1.49
CA ALA B 187 21.02 -12.23 1.45
C ALA B 187 21.89 -12.73 0.29
N ALA B 188 22.70 -11.85 -0.29
CA ALA B 188 23.54 -12.26 -1.41
C ALA B 188 24.48 -13.41 -1.02
N ARG B 189 24.94 -13.46 0.23
CA ARG B 189 25.80 -14.55 0.67
C ARG B 189 25.10 -15.90 0.60
N ASN B 190 23.76 -15.92 0.57
CA ASN B 190 23.00 -17.17 0.50
C ASN B 190 22.33 -17.36 -0.86
N ILE B 191 22.83 -16.69 -1.89
CA ILE B 191 22.46 -16.99 -3.27
C ILE B 191 23.71 -17.56 -3.92
N LEU B 192 23.60 -18.71 -4.58
CA LEU B 192 24.74 -19.28 -5.29
C LEU B 192 24.53 -19.20 -6.80
N LEU B 193 25.64 -19.32 -7.51
CA LEU B 193 25.67 -19.18 -8.96
C LEU B 193 26.20 -20.45 -9.58
N THR B 194 25.50 -20.96 -10.58
CA THR B 194 25.98 -22.16 -11.22
C THR B 194 26.05 -21.95 -12.73
N HIS B 195 26.22 -23.04 -13.47
CA HIS B 195 26.36 -22.96 -14.92
C HIS B 195 25.18 -22.23 -15.55
N GLY B 196 25.45 -21.50 -16.63
CA GLY B 196 24.39 -20.79 -17.33
C GLY B 196 23.87 -19.55 -16.63
N ASN B 197 24.64 -18.95 -15.73
CA ASN B 197 24.21 -17.77 -14.99
C ASN B 197 22.91 -18.02 -14.22
N ILE B 198 22.69 -19.26 -13.77
CA ILE B 198 21.50 -19.56 -12.97
C ILE B 198 21.83 -19.33 -11.50
N THR B 199 20.97 -18.59 -10.81
CA THR B 199 21.18 -18.32 -9.39
C THR B 199 20.25 -19.20 -8.58
N LYS B 200 20.75 -19.68 -7.44
CA LYS B 200 20.01 -20.61 -6.59
C LYS B 200 20.11 -20.17 -5.13
N ILE B 201 18.95 -20.07 -4.49
CA ILE B 201 18.85 -19.76 -3.07
C ILE B 201 19.32 -20.98 -2.30
N CYS B 202 20.17 -20.75 -1.30
CA CYS B 202 20.69 -21.89 -0.51
C CYS B 202 20.50 -21.62 0.99
N ASP B 203 20.90 -22.62 1.77
CA ASP B 203 20.89 -22.65 3.24
C ASP B 203 19.49 -22.50 3.78
N PHE B 204 18.78 -23.62 3.88
CA PHE B 204 17.44 -23.68 4.38
C PHE B 204 17.40 -24.08 5.85
N GLY B 205 18.50 -23.89 6.57
CA GLY B 205 18.54 -24.31 7.97
C GLY B 205 17.49 -23.61 8.84
N LEU B 206 17.13 -22.38 8.50
CA LEU B 206 16.15 -21.63 9.29
C LEU B 206 14.80 -21.49 8.60
N ALA B 207 14.61 -22.15 7.47
CA ALA B 207 13.37 -21.98 6.75
C ALA B 207 12.23 -22.68 7.47
N ARG B 208 11.05 -22.07 7.45
CA ARG B 208 9.90 -22.57 8.20
C ARG B 208 8.68 -22.55 7.31
N ASP B 209 7.84 -23.56 7.45
CA ASP B 209 6.49 -23.51 6.91
C ASP B 209 5.63 -22.73 7.89
N ILE B 210 4.97 -21.67 7.44
CA ILE B 210 4.19 -20.85 8.35
C ILE B 210 2.70 -20.91 8.03
N LYS B 211 2.25 -22.01 7.42
CA LYS B 211 0.85 -22.08 6.99
C LYS B 211 -0.10 -22.00 8.16
N ASN B 212 0.34 -22.43 9.35
CA ASN B 212 -0.57 -22.57 10.47
C ASN B 212 -0.86 -21.22 11.14
N ASP B 213 0.18 -20.42 11.41
CA ASP B 213 0.06 -19.22 12.23
C ASP B 213 0.22 -17.91 11.46
N SER B 214 0.42 -17.97 10.15
CA SER B 214 0.61 -16.78 9.31
C SER B 214 1.89 -16.02 9.65
N ASN B 215 2.60 -16.45 10.71
CA ASN B 215 3.92 -15.92 11.01
C ASN B 215 4.75 -17.00 11.72
N TYR B 216 5.99 -16.65 12.01
CA TYR B 216 6.86 -17.50 12.81
C TYR B 216 7.48 -16.59 13.87
N VAL B 217 7.50 -17.05 15.12
CA VAL B 217 8.07 -16.26 16.21
C VAL B 217 9.33 -16.98 16.68
N ASP B 218 10.48 -16.35 16.49
CA ASP B 218 11.75 -16.98 16.86
C ASP B 218 11.90 -16.97 18.38
N LYS B 219 11.89 -18.17 18.96
CA LYS B 219 12.17 -18.36 20.37
C LYS B 219 13.52 -19.05 20.50
N GLY B 220 14.57 -18.31 20.15
CA GLY B 220 15.93 -18.84 20.14
C GLY B 220 16.92 -17.78 20.54
N ASN B 221 18.19 -18.19 20.59
CA ASN B 221 19.29 -17.33 21.00
C ASN B 221 20.49 -17.53 20.08
N ALA B 222 20.31 -17.24 18.80
CA ALA B 222 21.41 -17.32 17.86
C ALA B 222 21.77 -15.92 17.41
N ARG B 223 22.99 -15.76 16.89
CA ARG B 223 23.33 -14.51 16.24
C ARG B 223 22.45 -14.32 15.01
N LEU B 224 22.03 -13.08 14.76
CA LEU B 224 21.03 -12.79 13.76
C LEU B 224 21.57 -11.82 12.70
N PRO B 225 21.16 -11.96 11.45
CA PRO B 225 21.62 -11.07 10.35
C PRO B 225 20.92 -9.71 10.40
N VAL B 226 21.26 -8.89 11.41
CA VAL B 226 20.43 -7.73 11.77
C VAL B 226 20.24 -6.78 10.59
N LYS B 227 21.28 -6.53 9.80
CA LYS B 227 21.14 -5.51 8.73
C LYS B 227 20.26 -5.97 7.58
N TRP B 228 19.88 -7.24 7.52
CA TRP B 228 18.93 -7.79 6.54
C TRP B 228 17.51 -7.94 7.09
N MET B 229 17.30 -7.70 8.37
CA MET B 229 16.05 -8.06 9.01
C MET B 229 15.03 -6.92 8.97
N ALA B 230 13.77 -7.28 8.79
CA ALA B 230 12.68 -6.31 8.93
C ALA B 230 12.61 -5.81 10.37
N PRO B 231 12.13 -4.59 10.58
CA PRO B 231 12.02 -4.07 11.95
C PRO B 231 11.18 -4.95 12.85
N GLU B 232 10.05 -5.48 12.36
CA GLU B 232 9.23 -6.31 13.24
C GLU B 232 9.96 -7.59 13.65
N SER B 233 10.89 -8.07 12.80
CA SER B 233 11.66 -9.25 13.21
C SER B 233 12.66 -8.90 14.32
N ILE B 234 13.32 -7.75 14.18
CA ILE B 234 14.24 -7.28 15.21
C ILE B 234 13.50 -7.02 16.52
N PHE B 235 12.41 -6.24 16.45
CA PHE B 235 11.79 -5.73 17.67
C PHE B 235 10.85 -6.73 18.34
N ASN B 236 10.24 -7.64 17.56
CA ASN B 236 9.24 -8.56 18.06
C ASN B 236 9.50 -10.01 17.71
N SER B 237 10.64 -10.31 17.09
CA SER B 237 11.03 -11.66 16.70
C SER B 237 9.99 -12.33 15.80
N VAL B 238 9.28 -11.53 15.01
CA VAL B 238 8.19 -12.00 14.17
C VAL B 238 8.70 -12.12 12.73
N TYR B 239 8.47 -13.28 12.10
CA TYR B 239 8.89 -13.53 10.73
C TYR B 239 7.68 -13.94 9.89
N THR B 240 7.62 -13.44 8.66
CA THR B 240 6.46 -13.60 7.79
C THR B 240 6.91 -13.60 6.32
N PHE B 241 5.95 -13.88 5.42
CA PHE B 241 6.21 -13.62 4.01
C PHE B 241 6.80 -12.22 3.82
N GLU B 242 6.24 -11.23 4.54
CA GLU B 242 6.60 -9.84 4.34
C GLU B 242 7.99 -9.50 4.87
N SER B 243 8.49 -10.23 5.88
CA SER B 243 9.85 -9.97 6.32
C SER B 243 10.88 -10.57 5.36
N ASP B 244 10.57 -11.70 4.70
CA ASP B 244 11.42 -12.16 3.60
C ASP B 244 11.49 -11.12 2.49
N VAL B 245 10.38 -10.41 2.23
CA VAL B 245 10.39 -9.37 1.18
C VAL B 245 11.28 -8.22 1.60
N TRP B 246 11.23 -7.80 2.87
CA TRP B 246 12.21 -6.81 3.33
C TRP B 246 13.64 -7.24 3.01
N SER B 247 14.01 -8.49 3.37
CA SER B 247 15.37 -8.96 3.11
C SER B 247 15.71 -8.99 1.60
N TYR B 248 14.73 -9.26 0.74
CA TYR B 248 14.95 -9.19 -0.69
C TYR B 248 15.30 -7.78 -1.13
N GLY B 249 14.66 -6.75 -0.53
CA GLY B 249 15.06 -5.38 -0.80
C GLY B 249 16.51 -5.11 -0.43
N ILE B 250 16.95 -5.64 0.71
CA ILE B 250 18.35 -5.48 1.12
C ILE B 250 19.25 -6.21 0.13
N PHE B 251 18.84 -7.42 -0.30
CA PHE B 251 19.60 -8.14 -1.33
C PHE B 251 19.72 -7.33 -2.63
N LEU B 252 18.63 -6.68 -3.07
CA LEU B 252 18.71 -5.85 -4.27
C LEU B 252 19.75 -4.74 -4.11
N TRP B 253 19.84 -4.15 -2.92
CA TRP B 253 20.83 -3.12 -2.69
C TRP B 253 22.24 -3.70 -2.81
N GLU B 254 22.47 -4.87 -2.19
CA GLU B 254 23.77 -5.51 -2.35
C GLU B 254 24.09 -5.77 -3.80
N LEU B 255 23.10 -6.26 -4.54
CA LEU B 255 23.30 -6.61 -5.94
C LEU B 255 23.71 -5.39 -6.77
N PHE B 256 22.89 -4.34 -6.74
CA PHE B 256 23.18 -3.18 -7.57
C PHE B 256 24.33 -2.33 -7.04
N SER B 257 24.76 -2.54 -5.79
CA SER B 257 26.00 -1.96 -5.30
CA SER B 257 26.00 -1.96 -5.30
C SER B 257 27.21 -2.81 -5.60
N LEU B 258 27.04 -3.90 -6.35
CA LEU B 258 28.13 -4.82 -6.73
C LEU B 258 28.83 -5.36 -5.48
N GLY B 259 28.04 -5.63 -4.46
CA GLY B 259 28.52 -6.37 -3.32
C GLY B 259 28.95 -5.55 -2.13
N SER B 260 28.61 -4.27 -2.08
CA SER B 260 28.85 -3.49 -0.86
C SER B 260 28.07 -4.05 0.33
N SER B 261 28.63 -3.89 1.52
CA SER B 261 27.89 -4.23 2.72
CA SER B 261 27.88 -4.25 2.71
C SER B 261 26.81 -3.19 2.98
N PRO B 262 25.64 -3.60 3.45
CA PRO B 262 24.54 -2.64 3.65
C PRO B 262 24.80 -1.72 4.82
N TYR B 263 24.13 -0.57 4.76
CA TYR B 263 24.31 0.51 5.73
C TYR B 263 25.80 0.76 5.93
N PRO B 264 26.51 1.16 4.86
CA PRO B 264 27.97 1.23 4.93
C PRO B 264 28.47 2.07 6.09
N GLY B 265 29.39 1.51 6.86
CA GLY B 265 29.97 2.26 7.95
C GLY B 265 29.08 2.49 9.16
N MET B 266 27.84 1.98 9.17
CA MET B 266 26.97 2.17 10.32
C MET B 266 27.07 0.94 11.19
N PRO B 267 27.47 1.08 12.46
CA PRO B 267 27.48 -0.08 13.36
C PRO B 267 26.07 -0.48 13.76
N VAL B 268 25.91 -1.74 14.12
CA VAL B 268 24.64 -2.21 14.70
C VAL B 268 24.68 -1.82 16.18
N ASP B 269 23.94 -0.76 16.54
CA ASP B 269 23.91 -0.25 17.91
C ASP B 269 22.55 0.43 18.12
N SER B 270 22.41 1.15 19.24
CA SER B 270 21.14 1.79 19.54
CA SER B 270 21.15 1.81 19.56
C SER B 270 20.78 2.82 18.48
N LYS B 271 21.78 3.52 17.92
CA LYS B 271 21.49 4.53 16.91
C LYS B 271 20.92 3.88 15.66
N PHE B 272 21.45 2.70 15.29
CA PHE B 272 20.95 1.99 14.11
C PHE B 272 19.47 1.64 14.28
N TYR B 273 19.12 1.04 15.41
CA TYR B 273 17.73 0.60 15.59
C TYR B 273 16.79 1.79 15.57
N LYS B 274 17.20 2.87 16.22
CA LYS B 274 16.37 4.07 16.29
C LYS B 274 16.16 4.64 14.90
N MET B 275 17.21 4.67 14.08
CA MET B 275 17.10 5.19 12.72
C MET B 275 16.15 4.35 11.89
N ILE B 276 16.33 3.02 11.91
CA ILE B 276 15.44 2.14 11.15
C ILE B 276 13.99 2.34 11.61
N LYS B 277 13.78 2.39 12.93
CA LYS B 277 12.42 2.57 13.42
C LYS B 277 11.81 3.89 12.97
N GLU B 278 12.61 4.97 12.91
CA GLU B 278 12.12 6.29 12.53
C GLU B 278 11.88 6.42 11.03
N GLY B 279 12.37 5.49 10.24
CA GLY B 279 12.09 5.49 8.82
C GLY B 279 13.30 5.71 7.92
N PHE B 280 14.51 5.70 8.50
CA PHE B 280 15.71 5.78 7.67
C PHE B 280 15.83 4.57 6.77
N ARG B 281 16.22 4.82 5.51
CA ARG B 281 16.45 3.77 4.53
C ARG B 281 17.66 4.15 3.69
N MET B 282 18.37 3.13 3.19
CA MET B 282 19.47 3.34 2.27
C MET B 282 19.01 4.07 1.01
N SER B 283 19.86 4.98 0.54
CA SER B 283 19.73 5.64 -0.75
C SER B 283 20.07 4.65 -1.88
N SER B 284 19.76 5.04 -3.11
CA SER B 284 19.92 4.12 -4.23
C SER B 284 21.40 3.87 -4.51
N PRO B 285 21.79 2.63 -4.77
CA PRO B 285 23.10 2.40 -5.40
C PRO B 285 23.17 3.11 -6.74
N GLU B 286 24.38 3.58 -7.07
CA GLU B 286 24.55 4.39 -8.27
C GLU B 286 24.01 3.67 -9.50
N TYR B 287 24.27 2.36 -9.60
CA TYR B 287 23.92 1.63 -10.81
C TYR B 287 22.56 0.96 -10.76
N ALA B 288 21.78 1.11 -9.68
CA ALA B 288 20.42 0.58 -9.66
C ALA B 288 19.56 1.35 -10.65
N PRO B 289 18.80 0.67 -11.52
CA PRO B 289 17.74 1.37 -12.26
C PRO B 289 16.72 1.98 -11.31
N ALA B 290 16.16 3.13 -11.71
CA ALA B 290 15.22 3.80 -10.83
C ALA B 290 14.08 2.84 -10.45
N GLU B 291 13.59 2.04 -11.42
CA GLU B 291 12.49 1.15 -11.13
C GLU B 291 12.90 0.01 -10.19
N MET B 292 14.19 -0.34 -10.15
CA MET B 292 14.61 -1.33 -9.16
C MET B 292 14.78 -0.70 -7.78
N TYR B 293 15.27 0.54 -7.70
CA TYR B 293 15.25 1.22 -6.42
C TYR B 293 13.81 1.42 -5.93
N ASP B 294 12.84 1.64 -6.83
CA ASP B 294 11.44 1.75 -6.39
C ASP B 294 10.98 0.46 -5.71
N ILE B 295 11.38 -0.70 -6.25
CA ILE B 295 11.07 -1.98 -5.58
C ILE B 295 11.70 -2.02 -4.19
N MET B 296 12.99 -1.69 -4.09
CA MET B 296 13.66 -1.61 -2.79
C MET B 296 12.84 -0.80 -1.77
N LYS B 297 12.45 0.42 -2.15
CA LYS B 297 11.72 1.27 -1.21
C LYS B 297 10.41 0.62 -0.76
N THR B 298 9.69 -0.05 -1.67
CA THR B 298 8.44 -0.70 -1.22
C THR B 298 8.74 -1.94 -0.36
N CYS B 299 9.83 -2.65 -0.63
CA CYS B 299 10.22 -3.79 0.22
C CYS B 299 10.51 -3.34 1.65
N TRP B 300 10.93 -2.09 1.83
CA TRP B 300 11.27 -1.57 3.14
C TRP B 300 10.16 -0.70 3.74
N ASP B 301 8.92 -0.88 3.31
CA ASP B 301 7.84 -0.13 3.96
C ASP B 301 7.74 -0.55 5.43
N ALA B 302 7.64 0.45 6.32
CA ALA B 302 7.51 0.10 7.73
C ALA B 302 6.26 -0.74 7.99
N ASP B 303 5.24 -0.59 7.15
CA ASP B 303 4.01 -1.36 7.27
C ASP B 303 4.16 -2.62 6.43
N PRO B 304 4.22 -3.81 7.05
CA PRO B 304 4.38 -5.03 6.25
C PRO B 304 3.31 -5.21 5.20
N ASP B 305 2.08 -4.75 5.48
CA ASP B 305 0.96 -4.88 4.55
C ASP B 305 1.16 -4.12 3.25
N LYS B 306 2.00 -3.07 3.24
CA LYS B 306 2.22 -2.31 2.03
C LYS B 306 3.40 -2.81 1.20
N ARG B 307 4.15 -3.79 1.68
CA ARG B 307 5.23 -4.32 0.87
C ARG B 307 4.65 -5.16 -0.27
N PRO B 308 5.34 -5.24 -1.41
CA PRO B 308 4.88 -6.12 -2.49
C PRO B 308 5.03 -7.58 -2.10
N THR B 309 4.28 -8.43 -2.77
CA THR B 309 4.56 -9.86 -2.69
C THR B 309 5.64 -10.27 -3.69
N PHE B 310 6.24 -11.44 -3.47
CA PHE B 310 7.20 -11.88 -4.48
C PHE B 310 6.53 -12.09 -5.82
N LYS B 311 5.28 -12.53 -5.81
CA LYS B 311 4.54 -12.66 -7.07
C LYS B 311 4.46 -11.31 -7.78
N GLN B 312 4.16 -10.24 -7.05
CA GLN B 312 4.11 -8.92 -7.67
C GLN B 312 5.48 -8.46 -8.15
N ILE B 313 6.53 -8.73 -7.36
CA ILE B 313 7.88 -8.35 -7.75
C ILE B 313 8.29 -9.06 -9.04
N VAL B 314 8.00 -10.36 -9.15
CA VAL B 314 8.31 -11.10 -10.38
C VAL B 314 7.69 -10.44 -11.59
N GLN B 315 6.39 -10.10 -11.52
CA GLN B 315 5.72 -9.47 -12.66
C GLN B 315 6.37 -8.14 -13.02
N ASP B 316 6.72 -7.37 -12.01
CA ASP B 316 7.35 -6.07 -12.20
C ASP B 316 8.67 -6.21 -12.96
N ILE B 317 9.54 -7.10 -12.47
CA ILE B 317 10.85 -7.27 -13.09
C ILE B 317 10.71 -7.84 -14.49
N GLU B 318 9.78 -8.79 -14.68
CA GLU B 318 9.52 -9.34 -16.01
C GLU B 318 9.35 -8.22 -17.03
N LYS B 319 8.52 -7.23 -16.67
CA LYS B 319 8.24 -6.11 -17.55
C LYS B 319 9.47 -5.23 -17.78
N GLN B 320 10.28 -5.02 -16.73
CA GLN B 320 11.53 -4.29 -16.90
C GLN B 320 12.48 -5.01 -17.85
N ILE B 321 12.59 -6.34 -17.75
CA ILE B 321 13.47 -7.05 -18.68
C ILE B 321 12.95 -6.92 -20.11
N SER B 322 11.65 -7.05 -20.31
CA SER B 322 11.13 -6.98 -21.68
C SER B 322 11.28 -5.58 -22.24
N GLU B 323 11.11 -4.56 -21.41
CA GLU B 323 11.27 -3.20 -21.92
C GLU B 323 12.72 -2.85 -22.19
N SER B 324 13.66 -3.48 -21.48
CA SER B 324 15.07 -3.18 -21.68
CA SER B 324 15.08 -3.21 -21.67
C SER B 324 15.60 -3.71 -23.01
N THR B 325 14.92 -4.67 -23.63
CA THR B 325 15.36 -5.17 -24.94
C THR B 325 14.88 -4.21 -26.03
C10 98A C . -26.19 23.02 -6.87
C13 98A C . -28.03 23.24 -3.50
C15 98A C . -27.14 24.02 -1.39
C17 98A C . -28.57 24.23 0.27
C21 98A C . -25.66 23.10 -3.01
C22 98A C . -25.28 23.42 -4.47
C24 98A C . -24.87 23.60 -8.75
C26 98A C . -28.34 21.64 -7.71
C01 98A C . -33.30 18.74 -9.20
C04 98A C . -30.24 19.94 -10.80
C05 98A C . -29.95 20.45 -9.47
C06 98A C . -28.77 21.23 -9.02
C07 98A C . -27.76 21.73 -9.88
C09 98A C . -27.12 22.36 -7.78
C12 98A C . -27.64 22.43 -4.74
C18 98A C . -27.57 24.83 1.03
C19 98A C . -26.33 24.98 0.41
C27 98A C . -31.11 20.05 -8.76
N02 98A C . -31.97 19.34 -9.61
N03 98A C . -31.43 19.27 -10.87
N08 98A C . -26.77 22.42 -9.18
N11 98A C . -26.43 23.06 -5.38
N14 98A C . -26.92 23.58 -2.70
N16 98A C . -28.41 23.80 -0.99
N20 98A C . -26.05 24.57 -0.83
N23 98A C . -25.09 23.64 -7.36
N25 98A C . -25.64 23.04 -9.65
C10 98A D . 26.91 -24.59 -1.11
C13 98A D . 25.51 -23.21 2.24
C15 98A D . 26.61 -23.46 4.38
C17 98A D . 25.32 -23.70 6.14
C21 98A D . 27.91 -22.99 2.40
C22 98A D . 28.05 -23.41 0.91
C24 98A D . 26.01 -25.98 -2.78
C26 98A D . 29.15 -23.49 -2.00
C01 98A D . 33.87 -22.23 -6.15
C04 98A D . 32.04 -22.22 -2.99
C05 98A D . 31.10 -23.03 -3.72
C06 98A D . 29.84 -23.62 -3.23
C07 98A D . 29.05 -24.53 -3.97
C09 98A D . 27.98 -24.29 -2.00
C12 98A D . 25.55 -24.21 1.09
C18 98A D . 26.46 -23.83 6.94
C19 98A D . 27.69 -23.75 6.29
C27 98A D . 31.71 -23.13 -5.00
N02 98A D . 32.92 -22.40 -4.99
N03 98A D . 33.11 -21.85 -3.75
N08 98A D . 27.96 -24.95 -3.25
N11 98A D . 26.81 -23.98 0.24
N14 98A D . 26.69 -23.28 2.99
N16 98A D . 25.34 -23.52 4.82
N20 98A D . 27.83 -23.55 4.96
N23 98A D . 25.93 -25.43 -1.49
N25 98A D . 26.93 -25.75 -3.65
#